data_9FQO
#
_entry.id   9FQO
#
_cell.length_a   51.540
_cell.length_b   66.360
_cell.length_c   58.650
_cell.angle_alpha   90.000
_cell.angle_beta   100.080
_cell.angle_gamma   90.000
#
_symmetry.space_group_name_H-M   'P 1 21 1'
#
loop_
_entity.id
_entity.type
_entity.pdbx_description
1 polymer 'C0083 Fab heavy chain'
2 polymer 'C0083 Fab light chain'
3 non-polymer 2-[BIS-(2-HYDROXY-ETHYL)-AMINO]-2-HYDROXYMETHYL-PROPANE-1,3-DIOL
4 water water
#
loop_
_entity_poly.entity_id
_entity_poly.type
_entity_poly.pdbx_seq_one_letter_code
_entity_poly.pdbx_strand_id
1 'polypeptide(L)'
;EVQLQESGGGLVQPGGSLRLSCAASGFTFSIYSMNWVRQAPGKGLEWVSSIGSSGGTTYYADSVKGRFTISRDNSKNTLY
LQMNSLRAEDTAVYYCAGSQYLYGMDVWGQGTTVTVSSASTKGPSVFPLAPSSKSTSGGTAALGCLVKDYFPEPVTVSWN
SGALTSGVHTFPAVLQSSGLYSLSSVVTVPSSSLGTQTYICNVNHKPSNTKVDKRVEPKSCDKTHT
;
A
2 'polypeptide(L)'
;DIQMTQSPSSLSASVGDRVTITCRSSQRIMTYLNWYQQKPGKAPKLLIYVGSHSQSGVPSRFRGSGSETDFTLTISGLQP
EDSATYYCQQSFFTPLTFGGGTKVEIKRTVAAPSVFIFPPSDEQLKSGTASVVCLLNNFYPREAKVQWKVDNALQSGNSQ
ESVTEQDSKDSTYSLSSTLTLSKADYEKHKVYACEVTHQGLSSPVTKSFNRGEC
;
B
#
# COMPACT_ATOMS: atom_id res chain seq x y z
N GLU A 1 22.51 4.94 -13.44
CA GLU A 1 21.62 4.36 -12.40
C GLU A 1 20.84 3.19 -12.98
N VAL A 2 21.16 1.97 -12.52
CA VAL A 2 20.46 0.79 -13.00
C VAL A 2 18.96 1.00 -12.80
N GLN A 3 18.18 0.69 -13.84
CA GLN A 3 16.78 1.06 -13.86
C GLN A 3 15.99 0.09 -14.74
N LEU A 4 14.79 -0.26 -14.28
CA LEU A 4 13.87 -1.12 -15.01
C LEU A 4 12.51 -0.44 -14.99
N GLN A 5 11.96 -0.18 -16.18
CA GLN A 5 10.67 0.51 -16.31
C GLN A 5 9.67 -0.43 -16.97
N GLU A 6 8.62 -0.79 -16.23
CA GLU A 6 7.59 -1.68 -16.72
C GLU A 6 6.46 -0.89 -17.41
N SER A 7 5.51 -1.63 -17.97
CA SER A 7 4.33 -1.08 -18.62
C SER A 7 3.53 -2.25 -19.19
N GLY A 8 2.29 -1.96 -19.57
CA GLY A 8 1.42 -2.93 -20.20
C GLY A 8 0.30 -3.45 -19.32
N GLY A 9 0.32 -3.16 -18.02
CA GLY A 9 -0.70 -3.68 -17.14
C GLY A 9 -2.06 -3.04 -17.38
N GLY A 10 -3.09 -3.69 -16.86
CA GLY A 10 -4.44 -3.20 -17.01
C GLY A 10 -5.45 -4.24 -16.58
N LEU A 11 -6.71 -3.98 -16.94
CA LEU A 11 -7.82 -4.87 -16.63
C LEU A 11 -8.09 -5.76 -17.83
N VAL A 12 -8.20 -7.07 -17.58
CA VAL A 12 -8.36 -8.06 -18.64
C VAL A 12 -9.48 -9.01 -18.28
N GLN A 13 -10.17 -9.51 -19.30
CA GLN A 13 -11.22 -10.49 -19.10
C GLN A 13 -10.63 -11.88 -18.93
N PRO A 14 -11.25 -12.74 -18.12
N PRO A 14 -11.25 -12.74 -18.12
CA PRO A 14 -10.77 -14.12 -18.01
CA PRO A 14 -10.77 -14.12 -18.01
C PRO A 14 -10.64 -14.76 -19.38
C PRO A 14 -10.64 -14.76 -19.38
N GLY A 15 -9.54 -15.51 -19.56
CA GLY A 15 -9.25 -16.13 -20.83
C GLY A 15 -8.58 -15.23 -21.84
N GLY A 16 -8.52 -13.92 -21.58
CA GLY A 16 -7.88 -12.99 -22.49
C GLY A 16 -6.37 -12.99 -22.34
N SER A 17 -5.74 -12.14 -23.15
CA SER A 17 -4.30 -12.07 -23.23
C SER A 17 -3.80 -10.67 -22.91
N LEU A 18 -2.57 -10.60 -22.44
CA LEU A 18 -1.94 -9.31 -22.13
C LEU A 18 -0.42 -9.51 -22.19
N ARG A 19 0.28 -8.49 -22.67
CA ARG A 19 1.73 -8.54 -22.83
C ARG A 19 2.36 -7.41 -22.02
N LEU A 20 3.22 -7.77 -21.08
CA LEU A 20 3.94 -6.82 -20.25
C LEU A 20 5.32 -6.55 -20.83
N SER A 21 5.84 -5.35 -20.58
CA SER A 21 7.14 -4.93 -21.07
C SER A 21 7.97 -4.41 -19.91
N CYS A 22 9.28 -4.38 -20.11
CA CYS A 22 10.22 -3.93 -19.07
C CYS A 22 11.47 -3.43 -19.77
N ALA A 23 11.67 -2.12 -19.78
CA ALA A 23 12.82 -1.50 -20.42
C ALA A 23 13.97 -1.35 -19.43
N ALA A 24 15.17 -1.66 -19.88
CA ALA A 24 16.36 -1.66 -19.04
C ALA A 24 17.33 -0.57 -19.48
N SER A 25 18.05 -0.01 -18.51
CA SER A 25 19.04 1.02 -18.78
C SER A 25 20.00 1.10 -17.59
N GLY A 26 21.26 1.40 -17.90
CA GLY A 26 22.28 1.58 -16.89
C GLY A 26 23.21 0.40 -16.67
N PHE A 27 23.05 -0.67 -17.44
CA PHE A 27 23.89 -1.85 -17.28
C PHE A 27 23.89 -2.64 -18.58
N THR A 28 24.80 -3.60 -18.66
CA THR A 28 24.90 -4.48 -19.83
C THR A 28 23.78 -5.50 -19.76
N PHE A 29 22.66 -5.17 -20.41
CA PHE A 29 21.48 -6.03 -20.35
C PHE A 29 21.79 -7.45 -20.82
N SER A 30 22.73 -7.61 -21.76
CA SER A 30 22.98 -8.91 -22.37
C SER A 30 23.67 -9.89 -21.42
N ILE A 31 24.17 -9.43 -20.28
CA ILE A 31 24.79 -10.31 -19.29
C ILE A 31 23.89 -10.52 -18.08
N TYR A 32 22.70 -9.93 -18.06
CA TYR A 32 21.79 -10.03 -16.93
C TYR A 32 20.72 -11.08 -17.21
N SER A 33 20.53 -11.99 -16.27
CA SER A 33 19.36 -12.85 -16.29
C SER A 33 18.18 -12.08 -15.72
N MET A 34 17.00 -12.28 -16.31
CA MET A 34 15.82 -11.51 -15.98
C MET A 34 14.74 -12.45 -15.44
N ASN A 35 13.82 -11.87 -14.67
CA ASN A 35 12.76 -12.63 -14.03
C ASN A 35 11.50 -11.78 -13.98
N TRP A 36 10.36 -12.44 -13.78
CA TRP A 36 9.10 -11.79 -13.46
C TRP A 36 8.64 -12.31 -12.12
N VAL A 37 8.24 -11.41 -11.24
CA VAL A 37 7.73 -11.74 -9.91
C VAL A 37 6.42 -10.97 -9.72
N ARG A 38 5.46 -11.61 -9.06
CA ARG A 38 4.15 -11.00 -8.86
C ARG A 38 3.76 -11.06 -7.39
N GLN A 39 2.85 -10.15 -7.01
CA GLN A 39 2.40 -10.02 -5.64
C GLN A 39 0.88 -9.83 -5.65
N ALA A 40 0.16 -10.85 -5.24
CA ALA A 40 -1.29 -10.76 -5.15
C ALA A 40 -1.68 -9.75 -4.08
N PRO A 41 -2.86 -9.14 -4.19
CA PRO A 41 -3.24 -8.09 -3.22
C PRO A 41 -3.14 -8.61 -1.79
N GLY A 42 -2.27 -7.98 -1.00
CA GLY A 42 -2.11 -8.34 0.40
C GLY A 42 -1.36 -9.63 0.65
N LYS A 43 -0.71 -10.19 -0.37
CA LYS A 43 0.00 -11.44 -0.26
C LYS A 43 1.50 -11.21 -0.46
N GLY A 44 2.27 -12.30 -0.36
CA GLY A 44 3.70 -12.23 -0.49
C GLY A 44 4.16 -12.21 -1.94
N LEU A 45 5.48 -12.27 -2.10
CA LEU A 45 6.09 -12.31 -3.42
C LEU A 45 6.05 -13.73 -3.98
N GLU A 46 5.74 -13.85 -5.28
CA GLU A 46 5.64 -15.14 -5.94
C GLU A 46 6.40 -15.08 -7.26
N TRP A 47 7.33 -16.01 -7.46
CA TRP A 47 8.08 -16.07 -8.69
C TRP A 47 7.19 -16.54 -9.84
N VAL A 48 7.35 -15.89 -11.00
CA VAL A 48 6.57 -16.20 -12.19
C VAL A 48 7.41 -16.93 -13.25
N SER A 49 8.49 -16.30 -13.71
CA SER A 49 9.28 -16.88 -14.79
C SER A 49 10.69 -16.30 -14.77
N SER A 50 11.60 -17.02 -15.41
CA SER A 50 13.00 -16.63 -15.51
C SER A 50 13.50 -16.86 -16.93
N ILE A 51 14.48 -16.06 -17.34
CA ILE A 51 15.04 -16.15 -18.69
C ILE A 51 16.53 -15.88 -18.61
N GLY A 52 17.32 -16.72 -19.30
CA GLY A 52 18.76 -16.52 -19.30
C GLY A 52 19.17 -15.25 -20.03
N SER A 53 20.40 -14.81 -19.75
CA SER A 53 20.88 -13.56 -20.31
C SER A 53 20.82 -13.57 -21.84
N SER A 54 21.01 -14.72 -22.47
CA SER A 54 20.98 -14.83 -23.91
C SER A 54 19.59 -15.12 -24.46
N GLY A 55 18.65 -15.54 -23.62
CA GLY A 55 17.32 -15.89 -24.06
C GLY A 55 17.14 -17.34 -24.44
N GLY A 56 18.21 -18.14 -24.45
CA GLY A 56 18.13 -19.54 -24.81
C GLY A 56 17.59 -20.45 -23.72
N THR A 57 17.33 -19.92 -22.53
CA THR A 57 16.80 -20.69 -21.42
C THR A 57 15.64 -19.94 -20.79
N THR A 58 14.56 -20.66 -20.48
CA THR A 58 13.40 -20.07 -19.83
C THR A 58 12.88 -21.04 -18.78
N TYR A 59 12.29 -20.49 -17.72
CA TYR A 59 11.75 -21.25 -16.62
C TYR A 59 10.44 -20.62 -16.18
N TYR A 60 9.51 -21.46 -15.73
CA TYR A 60 8.16 -21.01 -15.41
C TYR A 60 7.66 -21.69 -14.15
N ALA A 61 6.85 -20.96 -13.40
CA ALA A 61 6.15 -21.55 -12.26
C ALA A 61 5.06 -22.50 -12.76
N ASP A 62 4.77 -23.53 -11.96
CA ASP A 62 3.79 -24.53 -12.36
C ASP A 62 2.43 -23.91 -12.64
N SER A 63 2.10 -22.81 -11.95
CA SER A 63 0.76 -22.23 -12.07
C SER A 63 0.56 -21.46 -13.37
N VAL A 64 1.63 -21.15 -14.09
CA VAL A 64 1.55 -20.36 -15.32
C VAL A 64 2.13 -21.08 -16.53
N LYS A 65 2.65 -22.29 -16.36
CA LYS A 65 3.26 -23.00 -17.48
C LYS A 65 2.26 -23.22 -18.59
N GLY A 66 2.71 -23.00 -19.83
CA GLY A 66 1.86 -23.14 -20.99
C GLY A 66 0.96 -21.96 -21.28
N ARG A 67 0.79 -21.04 -20.33
CA ARG A 67 -0.02 -19.84 -20.53
C ARG A 67 0.82 -18.58 -20.65
N PHE A 68 1.90 -18.49 -19.89
CA PHE A 68 2.81 -17.35 -19.93
C PHE A 68 4.05 -17.70 -20.76
N THR A 69 4.62 -16.70 -21.41
CA THR A 69 5.84 -16.87 -22.20
C THR A 69 6.75 -15.68 -21.96
N ILE A 70 7.91 -15.93 -21.39
CA ILE A 70 8.92 -14.90 -21.16
C ILE A 70 9.83 -14.82 -22.37
N SER A 71 10.22 -13.60 -22.74
CA SER A 71 11.11 -13.40 -23.87
C SER A 71 11.88 -12.09 -23.65
N ARG A 72 12.94 -11.91 -24.43
CA ARG A 72 13.73 -10.70 -24.33
C ARG A 72 14.28 -10.34 -25.71
N ASP A 73 14.63 -9.06 -25.86
CA ASP A 73 15.31 -8.55 -27.05
C ASP A 73 16.51 -7.74 -26.56
N ASN A 74 17.69 -8.37 -26.57
CA ASN A 74 18.87 -7.70 -26.06
C ASN A 74 19.28 -6.52 -26.93
N SER A 75 18.82 -6.47 -28.18
CA SER A 75 19.12 -5.31 -29.03
C SER A 75 18.36 -4.07 -28.56
N LYS A 76 17.19 -4.25 -27.94
CA LYS A 76 16.37 -3.15 -27.47
C LYS A 76 16.38 -2.99 -25.95
N ASN A 77 17.15 -3.81 -25.24
CA ASN A 77 17.20 -3.77 -23.77
C ASN A 77 15.78 -3.84 -23.20
N THR A 78 15.01 -4.83 -23.67
CA THR A 78 13.61 -4.97 -23.29
C THR A 78 13.33 -6.41 -22.89
N LEU A 79 12.49 -6.57 -21.89
CA LEU A 79 12.01 -7.87 -21.42
C LEU A 79 10.49 -7.88 -21.54
N TYR A 80 9.95 -9.03 -21.95
CA TYR A 80 8.51 -9.17 -22.16
C TYR A 80 7.96 -10.34 -21.37
N LEU A 81 6.66 -10.25 -21.06
CA LEU A 81 5.89 -11.37 -20.52
C LEU A 81 4.56 -11.43 -21.25
N GLN A 82 4.37 -12.48 -22.04
CA GLN A 82 3.13 -12.67 -22.80
C GLN A 82 2.23 -13.57 -21.96
N MET A 83 1.15 -13.01 -21.45
CA MET A 83 0.21 -13.73 -20.58
C MET A 83 -1.04 -14.05 -21.38
N ASN A 84 -1.28 -15.33 -21.64
CA ASN A 84 -2.47 -15.80 -22.34
C ASN A 84 -3.32 -16.64 -21.40
N SER A 85 -4.55 -16.93 -21.83
CA SER A 85 -5.50 -17.69 -21.04
C SER A 85 -5.50 -17.23 -19.59
N LEU A 86 -5.65 -15.92 -19.41
CA LEU A 86 -5.52 -15.33 -18.08
C LEU A 86 -6.66 -15.78 -17.18
N ARG A 87 -6.32 -15.97 -15.91
CA ARG A 87 -7.24 -16.44 -14.88
C ARG A 87 -7.40 -15.38 -13.81
N ALA A 88 -8.48 -15.50 -13.04
CA ALA A 88 -8.73 -14.53 -11.97
C ALA A 88 -7.61 -14.54 -10.95
N GLU A 89 -7.06 -15.72 -10.64
CA GLU A 89 -5.98 -15.82 -9.67
C GLU A 89 -4.67 -15.24 -10.17
N ASP A 90 -4.59 -14.84 -11.45
CA ASP A 90 -3.41 -14.16 -11.95
C ASP A 90 -3.38 -12.68 -11.59
N THR A 91 -4.46 -12.17 -10.98
CA THR A 91 -4.49 -10.78 -10.56
C THR A 91 -3.40 -10.51 -9.54
N ALA A 92 -2.59 -9.49 -9.79
CA ALA A 92 -1.49 -9.13 -8.90
C ALA A 92 -0.73 -7.97 -9.53
N VAL A 93 0.18 -7.40 -8.76
CA VAL A 93 1.19 -6.48 -9.27
C VAL A 93 2.36 -7.32 -9.77
N TYR A 94 2.80 -7.05 -11.00
CA TYR A 94 3.87 -7.81 -11.63
C TYR A 94 5.14 -6.96 -11.66
N TYR A 95 6.26 -7.57 -11.28
CA TYR A 95 7.55 -6.91 -11.26
C TYR A 95 8.52 -7.65 -12.18
N CYS A 96 9.36 -6.89 -12.87
CA CYS A 96 10.51 -7.45 -13.56
C CYS A 96 11.76 -7.17 -12.73
N ALA A 97 12.65 -8.15 -12.67
CA ALA A 97 13.89 -8.01 -11.91
C ALA A 97 14.95 -8.90 -12.52
N GLY A 98 16.21 -8.49 -12.38
CA GLY A 98 17.31 -9.24 -12.95
C GLY A 98 18.59 -9.00 -12.20
N SER A 99 19.65 -9.66 -12.65
N SER A 99 19.65 -9.66 -12.65
CA SER A 99 20.97 -9.52 -12.03
CA SER A 99 20.96 -9.57 -12.01
C SER A 99 21.98 -10.26 -12.88
C SER A 99 21.99 -10.28 -12.87
N GLN A 100 23.25 -9.90 -12.70
CA GLN A 100 24.33 -10.62 -13.35
C GLN A 100 24.49 -12.03 -12.76
N TYR A 101 23.95 -12.26 -11.56
CA TYR A 101 23.98 -13.57 -10.94
C TYR A 101 22.71 -14.32 -11.29
N LEU A 102 22.87 -15.59 -11.70
CA LEU A 102 21.72 -16.37 -12.15
C LEU A 102 20.69 -16.51 -11.04
N TYR A 103 19.43 -16.22 -11.37
CA TYR A 103 18.29 -16.29 -10.46
C TYR A 103 18.32 -15.22 -9.38
N GLY A 104 19.25 -14.27 -9.46
CA GLY A 104 19.25 -13.15 -8.56
C GLY A 104 18.37 -12.00 -9.07
N MET A 105 18.06 -11.07 -8.17
CA MET A 105 17.15 -9.96 -8.46
C MET A 105 17.71 -8.70 -7.80
N ASP A 106 18.70 -8.09 -8.45
CA ASP A 106 19.42 -6.95 -7.90
C ASP A 106 18.76 -5.62 -8.27
N VAL A 107 18.21 -5.53 -9.48
CA VAL A 107 17.52 -4.34 -9.96
C VAL A 107 16.06 -4.70 -10.17
N TRP A 108 15.16 -3.87 -9.63
CA TRP A 108 13.73 -4.10 -9.70
C TRP A 108 13.07 -2.95 -10.45
N GLY A 109 11.95 -3.27 -11.12
CA GLY A 109 11.10 -2.25 -11.68
C GLY A 109 10.02 -1.81 -10.70
N GLN A 110 9.37 -0.70 -11.03
CA GLN A 110 8.41 -0.11 -10.09
C GLN A 110 7.13 -0.94 -9.96
N GLY A 111 6.83 -1.78 -10.94
CA GLY A 111 5.66 -2.63 -10.88
C GLY A 111 4.54 -2.14 -11.77
N THR A 112 3.68 -3.08 -12.19
CA THR A 112 2.52 -2.77 -12.99
C THR A 112 1.39 -3.71 -12.59
N THR A 113 0.18 -3.16 -12.47
CA THR A 113 -0.96 -3.90 -11.96
C THR A 113 -1.69 -4.62 -13.09
N VAL A 114 -2.10 -5.86 -12.82
CA VAL A 114 -2.85 -6.67 -13.76
C VAL A 114 -4.08 -7.21 -13.03
N THR A 115 -5.27 -6.88 -13.53
CA THR A 115 -6.52 -7.32 -12.93
C THR A 115 -7.27 -8.18 -13.94
N VAL A 116 -7.63 -9.39 -13.52
CA VAL A 116 -8.37 -10.34 -14.34
C VAL A 116 -9.75 -10.49 -13.72
N SER A 117 -10.75 -9.86 -14.31
CA SER A 117 -12.11 -9.92 -13.79
C SER A 117 -13.09 -9.75 -14.95
N SER A 118 -14.25 -10.39 -14.81
CA SER A 118 -15.36 -10.17 -15.73
C SER A 118 -16.28 -9.04 -15.28
N ALA A 119 -15.97 -8.40 -14.16
CA ALA A 119 -16.78 -7.29 -13.66
C ALA A 119 -16.47 -6.01 -14.43
N SER A 120 -17.40 -5.06 -14.36
CA SER A 120 -17.30 -3.82 -15.11
C SER A 120 -16.49 -2.78 -14.35
N THR A 121 -15.59 -2.11 -15.07
CA THR A 121 -14.76 -1.06 -14.48
C THR A 121 -15.60 0.20 -14.27
N LYS A 122 -15.58 0.72 -13.05
CA LYS A 122 -16.37 1.87 -12.65
C LYS A 122 -15.49 2.91 -11.98
N GLY A 123 -15.69 4.18 -12.35
CA GLY A 123 -14.93 5.27 -11.78
C GLY A 123 -15.52 5.75 -10.47
N PRO A 124 -14.68 6.29 -9.59
CA PRO A 124 -15.16 6.71 -8.27
C PRO A 124 -15.91 8.04 -8.31
N SER A 125 -16.69 8.26 -7.27
CA SER A 125 -17.22 9.58 -6.94
C SER A 125 -16.30 10.21 -5.89
N VAL A 126 -15.93 11.46 -6.11
CA VAL A 126 -14.98 12.17 -5.23
C VAL A 126 -15.76 13.24 -4.47
N PHE A 127 -15.75 13.13 -3.15
CA PHE A 127 -16.48 14.05 -2.29
C PHE A 127 -15.54 14.74 -1.31
N PRO A 128 -15.78 16.00 -0.98
CA PRO A 128 -14.87 16.72 -0.07
C PRO A 128 -15.08 16.30 1.38
N LEU A 129 -13.99 16.36 2.13
CA LEU A 129 -13.99 16.17 3.58
C LEU A 129 -13.47 17.45 4.20
N ALA A 130 -14.37 18.23 4.81
CA ALA A 130 -14.02 19.50 5.42
C ALA A 130 -14.82 19.70 6.69
N PRO A 131 -14.23 20.29 7.73
CA PRO A 131 -14.95 20.46 8.99
C PRO A 131 -15.99 21.58 8.90
N SER A 132 -16.92 21.55 9.86
CA SER A 132 -17.84 22.64 10.04
C SER A 132 -17.18 23.78 10.83
N SER A 133 -17.88 24.90 10.93
CA SER A 133 -17.28 26.10 11.52
C SER A 133 -16.91 25.88 12.98
N LYS A 134 -17.72 25.11 13.71
CA LYS A 134 -17.53 24.93 15.14
C LYS A 134 -16.63 23.75 15.49
N SER A 135 -15.77 23.32 14.57
CA SER A 135 -14.82 22.26 14.88
C SER A 135 -13.84 22.73 15.94
N THR A 136 -13.50 21.84 16.87
CA THR A 136 -12.65 22.17 18.02
C THR A 136 -11.21 21.73 17.79
N SER A 137 -10.65 22.04 16.62
CA SER A 137 -9.25 21.75 16.36
C SER A 137 -8.37 22.87 16.90
N GLY A 138 -7.14 22.52 17.26
CA GLY A 138 -6.19 23.50 17.75
C GLY A 138 -5.52 24.26 16.63
N GLY A 139 -4.19 24.26 16.62
CA GLY A 139 -3.44 24.87 15.55
C GLY A 139 -3.27 24.00 14.32
N THR A 140 -3.83 22.79 14.33
CA THR A 140 -3.73 21.86 13.21
C THR A 140 -5.13 21.40 12.83
N ALA A 141 -5.46 21.50 11.56
CA ALA A 141 -6.74 21.06 11.02
C ALA A 141 -6.51 20.01 9.96
N ALA A 142 -7.59 19.31 9.58
CA ALA A 142 -7.53 18.24 8.61
C ALA A 142 -8.55 18.45 7.51
N LEU A 143 -8.14 18.20 6.28
CA LEU A 143 -9.00 18.15 5.10
C LEU A 143 -8.83 16.80 4.44
N GLY A 144 -9.63 16.53 3.41
CA GLY A 144 -9.50 15.27 2.71
C GLY A 144 -10.52 15.15 1.59
N CYS A 145 -10.45 14.02 0.90
N CYS A 145 -10.42 14.04 0.89
CA CYS A 145 -11.36 13.71 -0.19
CA CYS A 145 -11.35 13.68 -0.16
C CYS A 145 -11.76 12.25 -0.13
C CYS A 145 -11.80 12.25 0.06
N LEU A 146 -13.07 11.99 -0.20
CA LEU A 146 -13.61 10.64 -0.12
C LEU A 146 -13.78 10.10 -1.53
N VAL A 147 -13.06 9.03 -1.84
CA VAL A 147 -13.06 8.39 -3.15
C VAL A 147 -13.88 7.12 -3.03
N LYS A 148 -15.08 7.14 -3.58
CA LYS A 148 -16.12 6.17 -3.23
C LYS A 148 -16.64 5.44 -4.46
N ASP A 149 -16.79 4.12 -4.33
CA ASP A 149 -17.46 3.27 -5.31
C ASP A 149 -16.71 3.27 -6.66
N TYR A 150 -15.58 2.56 -6.65
CA TYR A 150 -14.83 2.34 -7.88
C TYR A 150 -14.39 0.88 -7.94
N PHE A 151 -14.13 0.41 -9.16
CA PHE A 151 -13.60 -0.93 -9.36
C PHE A 151 -12.89 -0.96 -10.70
N PRO A 152 -11.75 -1.64 -10.81
CA PRO A 152 -11.02 -2.37 -9.77
C PRO A 152 -9.98 -1.48 -9.10
N GLU A 153 -9.18 -2.04 -8.21
CA GLU A 153 -8.01 -1.34 -7.73
C GLU A 153 -7.00 -1.21 -8.87
N PRO A 154 -6.11 -0.22 -8.81
CA PRO A 154 -5.92 0.81 -7.79
C PRO A 154 -6.39 2.19 -8.23
N VAL A 155 -6.31 3.15 -7.32
CA VAL A 155 -6.49 4.56 -7.61
C VAL A 155 -5.31 5.31 -7.03
N THR A 156 -4.91 6.39 -7.70
CA THR A 156 -3.85 7.26 -7.21
C THR A 156 -4.46 8.58 -6.76
N VAL A 157 -4.02 9.05 -5.60
CA VAL A 157 -4.48 10.31 -5.04
C VAL A 157 -3.26 11.16 -4.68
N SER A 158 -3.25 12.40 -5.16
CA SER A 158 -2.24 13.38 -4.81
C SER A 158 -2.95 14.68 -4.42
N TRP A 159 -2.16 15.62 -3.89
CA TRP A 159 -2.69 16.90 -3.42
C TRP A 159 -1.89 18.03 -4.05
N ASN A 160 -2.61 19.03 -4.57
CA ASN A 160 -2.00 20.17 -5.23
C ASN A 160 -1.00 19.73 -6.30
N SER A 161 -1.37 18.67 -7.03
CA SER A 161 -0.55 18.15 -8.12
C SER A 161 0.83 17.73 -7.63
N GLY A 162 0.87 17.08 -6.47
CA GLY A 162 2.11 16.60 -5.90
C GLY A 162 2.89 17.63 -5.10
N ALA A 163 2.53 18.91 -5.19
CA ALA A 163 3.24 19.94 -4.45
C ALA A 163 3.05 19.81 -2.94
N LEU A 164 1.97 19.16 -2.50
CA LEU A 164 1.68 18.97 -1.09
C LEU A 164 1.78 17.48 -0.77
N THR A 165 2.78 17.11 0.03
CA THR A 165 3.01 15.71 0.36
C THR A 165 3.10 15.51 1.86
N SER A 166 3.64 16.49 2.57
CA SER A 166 3.81 16.36 4.02
C SER A 166 2.45 16.33 4.71
N GLY A 167 2.25 15.32 5.55
CA GLY A 167 1.02 15.18 6.30
C GLY A 167 -0.10 14.49 5.57
N VAL A 168 0.15 13.92 4.40
CA VAL A 168 -0.87 13.26 3.61
C VAL A 168 -0.97 11.80 4.02
N HIS A 169 -2.19 11.30 4.15
CA HIS A 169 -2.45 9.90 4.48
C HIS A 169 -3.56 9.41 3.56
N THR A 170 -3.22 8.57 2.59
CA THR A 170 -4.22 7.93 1.72
C THR A 170 -4.44 6.51 2.23
N PHE A 171 -5.62 6.27 2.78
CA PHE A 171 -5.88 5.04 3.50
C PHE A 171 -6.05 3.86 2.54
N PRO A 172 -5.80 2.64 3.02
CA PRO A 172 -6.10 1.47 2.19
C PRO A 172 -7.57 1.41 1.83
N ALA A 173 -7.85 1.01 0.60
CA ALA A 173 -9.22 0.85 0.15
C ALA A 173 -9.89 -0.30 0.89
N VAL A 174 -11.20 -0.14 1.10
CA VAL A 174 -12.03 -1.17 1.72
C VAL A 174 -13.01 -1.65 0.68
N LEU A 175 -13.18 -2.97 0.58
CA LEU A 175 -14.13 -3.56 -0.36
C LEU A 175 -15.51 -3.55 0.27
N GLN A 176 -16.40 -2.73 -0.27
CA GLN A 176 -17.76 -2.61 0.25
C GLN A 176 -18.59 -3.83 -0.18
N SER A 177 -19.75 -3.98 0.47
CA SER A 177 -20.62 -5.10 0.15
C SER A 177 -21.03 -5.09 -1.32
N SER A 178 -21.05 -3.92 -1.95
CA SER A 178 -21.41 -3.80 -3.35
C SER A 178 -20.40 -4.42 -4.30
N GLY A 179 -19.23 -4.82 -3.79
CA GLY A 179 -18.13 -5.20 -4.65
C GLY A 179 -17.30 -4.05 -5.15
N LEU A 180 -17.64 -2.82 -4.76
CA LEU A 180 -16.88 -1.63 -5.12
C LEU A 180 -15.96 -1.23 -3.97
N TYR A 181 -14.93 -0.45 -4.31
CA TYR A 181 -13.95 0.00 -3.34
C TYR A 181 -14.25 1.43 -2.89
N SER A 182 -13.71 1.77 -1.72
CA SER A 182 -13.88 3.10 -1.15
C SER A 182 -12.70 3.40 -0.23
N LEU A 183 -12.20 4.63 -0.29
CA LEU A 183 -11.11 5.05 0.57
C LEU A 183 -11.23 6.55 0.82
N SER A 184 -10.45 7.02 1.79
CA SER A 184 -10.34 8.44 2.08
C SER A 184 -8.86 8.83 2.04
N SER A 185 -8.61 10.04 1.55
CA SER A 185 -7.28 10.64 1.60
C SER A 185 -7.39 11.95 2.38
N VAL A 186 -6.51 12.11 3.38
CA VAL A 186 -6.57 13.25 4.28
C VAL A 186 -5.20 13.92 4.31
N VAL A 187 -5.19 15.17 4.74
CA VAL A 187 -3.97 15.93 4.93
C VAL A 187 -4.19 16.91 6.07
N THR A 188 -3.23 16.99 6.98
CA THR A 188 -3.29 17.91 8.11
C THR A 188 -2.53 19.18 7.76
N VAL A 189 -3.14 20.33 8.04
CA VAL A 189 -2.57 21.63 7.69
C VAL A 189 -2.83 22.59 8.85
N PRO A 190 -2.09 23.71 8.87
CA PRO A 190 -2.38 24.72 9.90
C PRO A 190 -3.82 25.19 9.84
N SER A 191 -4.41 25.40 11.02
CA SER A 191 -5.82 25.78 11.09
C SER A 191 -6.08 27.08 10.34
N SER A 192 -5.22 28.08 10.53
CA SER A 192 -5.45 29.38 9.90
C SER A 192 -5.47 29.27 8.38
N SER A 193 -4.79 28.27 7.82
N SER A 193 -4.78 28.28 7.82
CA SER A 193 -4.74 28.08 6.38
CA SER A 193 -4.75 28.09 6.38
C SER A 193 -5.95 27.33 5.83
C SER A 193 -5.98 27.39 5.83
N LEU A 194 -6.83 26.82 6.70
CA LEU A 194 -7.95 26.02 6.24
C LEU A 194 -8.86 26.81 5.30
N GLY A 195 -9.32 27.97 5.75
CA GLY A 195 -10.31 28.73 5.02
C GLY A 195 -9.78 29.69 3.98
N THR A 196 -8.50 29.60 3.61
CA THR A 196 -7.92 30.57 2.68
C THR A 196 -7.09 29.90 1.60
N GLN A 197 -6.21 28.97 2.00
CA GLN A 197 -5.27 28.39 1.05
C GLN A 197 -5.94 27.34 0.18
N THR A 198 -5.38 27.15 -1.01
CA THR A 198 -5.94 26.23 -1.98
C THR A 198 -5.49 24.80 -1.70
N TYR A 199 -6.44 23.89 -1.60
CA TYR A 199 -6.16 22.46 -1.38
C TYR A 199 -7.00 21.67 -2.38
N ILE A 200 -6.33 20.99 -3.30
CA ILE A 200 -6.99 20.24 -4.37
C ILE A 200 -6.51 18.80 -4.31
N CYS A 201 -7.46 17.87 -4.36
N CYS A 201 -7.44 17.86 -4.30
CA CYS A 201 -7.18 16.43 -4.32
CA CYS A 201 -7.11 16.44 -4.32
C CYS A 201 -7.27 15.88 -5.73
C CYS A 201 -7.24 15.93 -5.74
N ASN A 202 -6.15 15.38 -6.26
CA ASN A 202 -6.08 14.86 -7.62
C ASN A 202 -6.28 13.36 -7.59
N VAL A 203 -7.37 12.88 -8.17
CA VAL A 203 -7.72 11.47 -8.18
C VAL A 203 -7.62 10.96 -9.61
N ASN A 204 -7.00 9.79 -9.77
CA ASN A 204 -6.84 9.17 -11.08
C ASN A 204 -7.18 7.69 -10.97
N HIS A 205 -8.17 7.24 -11.73
CA HIS A 205 -8.54 5.83 -11.82
C HIS A 205 -8.37 5.42 -13.28
N LYS A 206 -7.22 4.83 -13.59
CA LYS A 206 -6.89 4.53 -14.98
C LYS A 206 -7.82 3.50 -15.59
N PRO A 207 -8.18 2.41 -14.91
CA PRO A 207 -9.07 1.42 -15.54
C PRO A 207 -10.32 2.02 -16.17
N SER A 208 -11.03 2.87 -15.44
CA SER A 208 -12.26 3.49 -15.93
C SER A 208 -12.01 4.83 -16.62
N ASN A 209 -10.75 5.28 -16.68
CA ASN A 209 -10.40 6.55 -17.31
C ASN A 209 -11.13 7.70 -16.62
N THR A 210 -11.11 7.69 -15.30
CA THR A 210 -11.77 8.71 -14.49
C THR A 210 -10.69 9.48 -13.73
N LYS A 211 -10.55 10.76 -14.06
CA LYS A 211 -9.58 11.64 -13.41
C LYS A 211 -10.30 12.89 -12.96
N VAL A 212 -10.07 13.29 -11.70
CA VAL A 212 -10.80 14.39 -11.08
C VAL A 212 -9.82 15.24 -10.28
N ASP A 213 -10.02 16.55 -10.31
CA ASP A 213 -9.33 17.50 -9.44
C ASP A 213 -10.41 18.23 -8.64
N LYS A 214 -10.49 17.96 -7.35
CA LYS A 214 -11.56 18.48 -6.49
C LYS A 214 -10.96 19.44 -5.47
N ARG A 215 -11.41 20.69 -5.51
CA ARG A 215 -11.06 21.67 -4.49
C ARG A 215 -11.85 21.40 -3.22
N VAL A 216 -11.15 21.36 -2.09
CA VAL A 216 -11.75 21.08 -0.79
C VAL A 216 -11.63 22.34 0.06
N GLU A 217 -12.75 22.80 0.60
CA GLU A 217 -12.77 23.99 1.44
C GLU A 217 -13.99 23.92 2.35
N PRO A 218 -13.94 24.59 3.50
CA PRO A 218 -15.10 24.55 4.40
C PRO A 218 -16.33 25.20 3.79
N LYS A 219 -17.49 24.85 4.35
CA LYS A 219 -18.75 25.43 3.91
C LYS A 219 -18.78 26.93 4.20
N SER A 220 -19.48 27.66 3.35
CA SER A 220 -19.67 29.09 3.57
C SER A 220 -20.36 29.31 4.91
N CYS A 221 -19.79 30.19 5.74
CA CYS A 221 -20.29 30.43 7.09
C CYS A 221 -20.03 31.90 7.45
N ASP A 222 -20.95 32.77 7.02
CA ASP A 222 -20.86 34.18 7.34
C ASP A 222 -21.60 34.49 8.64
N ASP B 1 10.83 -28.65 -5.52
CA ASP B 1 10.48 -27.25 -5.13
C ASP B 1 10.96 -26.95 -3.72
N ILE B 2 12.05 -26.20 -3.61
CA ILE B 2 12.62 -25.86 -2.31
C ILE B 2 11.65 -24.94 -1.57
N GLN B 3 11.16 -25.39 -0.43
CA GLN B 3 10.30 -24.57 0.41
C GLN B 3 11.14 -23.75 1.37
N MET B 4 10.79 -22.47 1.52
CA MET B 4 11.53 -21.53 2.34
C MET B 4 10.67 -21.17 3.56
N THR B 5 11.17 -21.52 4.75
CA THR B 5 10.45 -21.28 6.00
C THR B 5 11.06 -20.06 6.69
N GLN B 6 10.30 -18.97 6.72
CA GLN B 6 10.73 -17.72 7.33
C GLN B 6 10.05 -17.54 8.68
N SER B 7 10.82 -17.09 9.67
CA SER B 7 10.32 -16.92 11.03
C SER B 7 11.06 -15.78 11.71
N PRO B 8 10.36 -14.95 12.50
CA PRO B 8 8.92 -14.97 12.81
C PRO B 8 8.11 -14.34 11.69
N SER B 9 6.79 -14.54 11.70
CA SER B 9 5.94 -13.87 10.72
C SER B 9 5.86 -12.37 10.98
N SER B 10 6.08 -11.94 12.21
CA SER B 10 6.04 -10.52 12.55
C SER B 10 6.86 -10.31 13.82
N LEU B 11 7.28 -9.07 14.03
CA LEU B 11 7.97 -8.70 15.25
C LEU B 11 7.85 -7.20 15.44
N SER B 12 8.00 -6.78 16.70
CA SER B 12 7.91 -5.37 17.08
C SER B 12 9.09 -5.07 18.00
N ALA B 13 9.99 -4.21 17.53
CA ALA B 13 11.20 -3.87 18.27
C ALA B 13 11.42 -2.38 18.22
N SER B 14 12.04 -1.84 19.26
CA SER B 14 12.23 -0.41 19.40
C SER B 14 13.42 0.06 18.56
N VAL B 15 13.46 1.38 18.32
CA VAL B 15 14.59 1.97 17.62
C VAL B 15 15.86 1.73 18.41
N GLY B 16 16.92 1.33 17.71
CA GLY B 16 18.17 0.99 18.35
C GLY B 16 18.29 -0.44 18.80
N ASP B 17 17.22 -1.23 18.69
CA ASP B 17 17.28 -2.63 19.07
C ASP B 17 17.93 -3.45 17.97
N ARG B 18 18.15 -4.73 18.27
CA ARG B 18 18.77 -5.67 17.34
C ARG B 18 17.80 -6.83 17.13
N VAL B 19 17.27 -6.95 15.91
CA VAL B 19 16.30 -7.99 15.58
C VAL B 19 16.93 -8.96 14.59
N THR B 20 16.45 -10.20 14.62
CA THR B 20 16.93 -11.25 13.74
C THR B 20 15.75 -11.88 13.01
N ILE B 21 15.92 -12.11 11.71
CA ILE B 21 14.95 -12.81 10.89
C ILE B 21 15.63 -14.06 10.34
N THR B 22 14.99 -15.20 10.49
CA THR B 22 15.54 -16.48 10.08
C THR B 22 14.79 -17.02 8.88
N CYS B 23 15.52 -17.71 8.00
CA CYS B 23 14.95 -18.33 6.81
C CYS B 23 15.56 -19.72 6.66
N ARG B 24 14.70 -20.73 6.57
CA ARG B 24 15.13 -22.13 6.45
C ARG B 24 14.67 -22.69 5.12
N SER B 25 15.53 -23.50 4.49
CA SER B 25 15.23 -24.14 3.23
C SER B 25 15.07 -25.64 3.44
N SER B 26 14.08 -26.22 2.76
CA SER B 26 13.85 -27.66 2.87
C SER B 26 15.01 -28.47 2.34
N GLN B 27 15.84 -27.88 1.48
CA GLN B 27 17.01 -28.54 0.92
C GLN B 27 18.21 -27.60 1.01
N ARG B 28 19.39 -28.19 0.91
CA ARG B 28 20.61 -27.40 0.94
C ARG B 28 20.70 -26.53 -0.30
N ILE B 29 21.03 -25.25 -0.12
CA ILE B 29 21.14 -24.30 -1.22
C ILE B 29 22.46 -23.58 -1.13
N MET B 30 23.44 -24.19 -0.44
CA MET B 30 24.75 -23.58 -0.25
C MET B 30 24.58 -22.18 0.35
N THR B 31 25.00 -21.13 -0.37
CA THR B 31 24.87 -19.76 0.10
C THR B 31 23.94 -18.92 -0.77
N TYR B 32 23.18 -19.54 -1.67
CA TYR B 32 22.39 -18.80 -2.67
C TYR B 32 21.03 -18.42 -2.08
N LEU B 33 21.08 -17.49 -1.13
CA LEU B 33 19.89 -16.95 -0.49
C LEU B 33 19.98 -15.44 -0.46
N ASN B 34 18.93 -14.77 -0.92
CA ASN B 34 18.90 -13.31 -0.99
C ASN B 34 17.80 -12.79 -0.08
N TRP B 35 18.00 -11.56 0.40
CA TRP B 35 17.06 -10.88 1.29
C TRP B 35 16.58 -9.60 0.64
N TYR B 36 15.27 -9.36 0.70
CA TYR B 36 14.66 -8.19 0.10
C TYR B 36 13.86 -7.43 1.16
N GLN B 37 13.76 -6.12 0.96
CA GLN B 37 12.96 -5.25 1.81
C GLN B 37 11.89 -4.61 0.96
N GLN B 38 10.65 -4.63 1.45
CA GLN B 38 9.53 -4.01 0.75
C GLN B 38 8.83 -3.05 1.70
N LYS B 39 8.99 -1.77 1.47
CA LYS B 39 8.29 -0.77 2.26
C LYS B 39 6.87 -0.61 1.73
N PRO B 40 5.95 -0.11 2.56
CA PRO B 40 4.56 0.03 2.12
C PRO B 40 4.45 0.85 0.85
N GLY B 41 3.79 0.28 -0.16
CA GLY B 41 3.55 0.96 -1.41
C GLY B 41 4.73 1.04 -2.34
N LYS B 42 5.85 0.39 -2.01
CA LYS B 42 7.05 0.43 -2.83
C LYS B 42 7.37 -0.97 -3.36
N ALA B 43 8.15 -1.01 -4.43
CA ALA B 43 8.61 -2.27 -4.97
C ALA B 43 9.70 -2.85 -4.07
N PRO B 44 9.92 -4.17 -4.14
CA PRO B 44 10.98 -4.77 -3.32
C PRO B 44 12.35 -4.22 -3.69
N LYS B 45 13.25 -4.24 -2.70
CA LYS B 45 14.61 -3.76 -2.86
C LYS B 45 15.58 -4.82 -2.32
N LEU B 46 16.67 -5.06 -3.03
CA LEU B 46 17.64 -6.05 -2.61
C LEU B 46 18.47 -5.48 -1.45
N LEU B 47 18.61 -6.27 -0.39
CA LEU B 47 19.50 -5.94 0.73
C LEU B 47 20.77 -6.80 0.68
N ILE B 48 20.61 -8.12 0.77
CA ILE B 48 21.72 -9.06 0.82
C ILE B 48 21.57 -10.04 -0.33
N TYR B 49 22.68 -10.32 -1.02
CA TYR B 49 22.70 -11.32 -2.07
C TYR B 49 23.73 -12.40 -1.75
N VAL B 50 23.40 -13.63 -2.14
CA VAL B 50 24.28 -14.79 -1.93
C VAL B 50 24.71 -14.86 -0.47
N GLY B 51 23.74 -14.79 0.44
CA GLY B 51 24.01 -15.09 1.84
C GLY B 51 24.43 -13.90 2.68
N SER B 52 25.57 -13.30 2.34
CA SER B 52 26.16 -12.28 3.21
C SER B 52 26.70 -11.07 2.45
N HIS B 53 26.47 -10.98 1.15
CA HIS B 53 27.02 -9.88 0.36
C HIS B 53 26.02 -8.74 0.29
N SER B 54 26.52 -7.52 0.47
CA SER B 54 25.70 -6.32 0.39
C SER B 54 26.44 -5.25 -0.41
N GLN B 55 25.67 -4.34 -0.97
CA GLN B 55 26.21 -3.22 -1.73
C GLN B 55 26.57 -2.08 -0.78
N SER B 56 27.53 -1.26 -1.21
CA SER B 56 27.88 -0.05 -0.46
C SER B 56 26.74 0.96 -0.59
N GLY B 57 25.98 1.11 0.48
CA GLY B 57 24.74 1.87 0.43
C GLY B 57 23.66 1.16 1.22
N VAL B 58 23.83 -0.14 1.41
CA VAL B 58 22.99 -0.91 2.32
C VAL B 58 23.53 -0.65 3.73
N PRO B 59 22.74 -0.04 4.63
CA PRO B 59 23.26 0.29 5.97
C PRO B 59 24.04 -0.83 6.61
N SER B 60 25.06 -0.49 7.39
CA SER B 60 25.85 -1.51 8.07
C SER B 60 25.00 -2.35 9.01
N ARG B 61 23.82 -1.85 9.41
CA ARG B 61 22.97 -2.62 10.30
C ARG B 61 22.33 -3.83 9.60
N PHE B 62 22.29 -3.84 8.27
CA PHE B 62 21.75 -4.96 7.51
C PHE B 62 22.88 -5.95 7.22
N ARG B 63 22.86 -7.09 7.91
CA ARG B 63 23.88 -8.12 7.74
C ARG B 63 23.21 -9.48 7.58
N GLY B 64 23.68 -10.24 6.59
CA GLY B 64 23.16 -11.58 6.33
C GLY B 64 24.21 -12.62 6.60
N SER B 65 23.76 -13.82 6.98
CA SER B 65 24.67 -14.89 7.34
C SER B 65 23.95 -16.23 7.21
N GLY B 66 24.74 -17.29 7.20
CA GLY B 66 24.21 -18.65 7.13
C GLY B 66 24.70 -19.38 5.89
N SER B 67 24.37 -20.68 5.85
CA SER B 67 24.73 -21.53 4.74
C SER B 67 23.93 -22.82 4.85
N GLU B 68 23.97 -23.61 3.78
CA GLU B 68 23.23 -24.86 3.69
C GLU B 68 21.73 -24.63 3.84
N THR B 69 21.17 -24.78 5.04
CA THR B 69 19.72 -24.69 5.22
C THR B 69 19.30 -23.75 6.35
N ASP B 70 20.22 -23.00 6.94
CA ASP B 70 19.88 -22.03 7.99
C ASP B 70 20.51 -20.70 7.64
N PHE B 71 19.67 -19.66 7.55
CA PHE B 71 20.11 -18.33 7.16
C PHE B 71 19.45 -17.30 8.06
N THR B 72 20.12 -16.16 8.23
CA THR B 72 19.66 -15.14 9.16
C THR B 72 19.91 -13.76 8.59
N LEU B 73 18.94 -12.87 8.78
CA LEU B 73 19.09 -11.45 8.52
C LEU B 73 19.00 -10.72 9.85
N THR B 74 20.04 -9.97 10.18
CA THR B 74 20.11 -9.25 11.44
C THR B 74 20.13 -7.75 11.16
N ILE B 75 19.24 -7.02 11.82
CA ILE B 75 19.19 -5.57 11.75
C ILE B 75 19.65 -5.05 13.11
N SER B 76 20.89 -4.56 13.17
CA SER B 76 21.50 -4.10 14.42
C SER B 76 21.45 -2.58 14.44
N GLY B 77 20.52 -2.04 15.24
CA GLY B 77 20.31 -0.61 15.28
C GLY B 77 19.11 -0.21 14.46
N LEU B 78 17.95 -0.75 14.82
CA LEU B 78 16.74 -0.52 14.05
C LEU B 78 16.47 0.97 13.91
N GLN B 79 15.99 1.36 12.72
CA GLN B 79 15.64 2.74 12.40
C GLN B 79 14.17 2.82 12.06
N PRO B 80 13.55 4.00 12.17
CA PRO B 80 12.14 4.12 11.78
C PRO B 80 11.87 3.67 10.37
N GLU B 81 12.73 4.05 9.42
CA GLU B 81 12.53 3.69 8.02
C GLU B 81 12.60 2.18 7.82
N ASP B 82 13.14 1.43 8.76
CA ASP B 82 13.21 -0.03 8.63
C ASP B 82 11.86 -0.70 8.80
N SER B 83 10.80 0.05 9.12
CA SER B 83 9.46 -0.52 9.15
C SER B 83 9.08 -0.97 7.76
N ALA B 84 8.98 -2.28 7.55
CA ALA B 84 8.74 -2.84 6.23
C ALA B 84 8.55 -4.34 6.36
N THR B 85 8.33 -5.00 5.23
CA THR B 85 8.26 -6.45 5.14
C THR B 85 9.55 -6.95 4.49
N TYR B 86 10.09 -8.04 5.02
CA TYR B 86 11.35 -8.59 4.55
C TYR B 86 11.12 -10.02 4.09
N TYR B 87 11.71 -10.37 2.93
CA TYR B 87 11.55 -11.68 2.32
C TYR B 87 12.92 -12.28 2.03
N CYS B 88 13.03 -13.59 2.22
CA CYS B 88 14.17 -14.34 1.72
C CYS B 88 13.79 -15.02 0.41
N GLN B 89 14.81 -15.34 -0.40
CA GLN B 89 14.59 -15.94 -1.70
C GLN B 89 15.79 -16.81 -2.04
N GLN B 90 15.54 -18.08 -2.34
CA GLN B 90 16.59 -18.98 -2.77
C GLN B 90 16.83 -18.81 -4.26
N SER B 91 18.09 -18.63 -4.64
CA SER B 91 18.51 -18.54 -6.04
C SER B 91 19.35 -19.74 -6.43
N PHE B 92 18.96 -20.92 -5.96
CA PHE B 92 19.74 -22.15 -6.19
C PHE B 92 19.27 -22.86 -7.46
N PHE B 93 18.03 -23.35 -7.47
CA PHE B 93 17.49 -23.95 -8.68
C PHE B 93 15.98 -23.75 -8.72
N THR B 94 15.43 -23.87 -9.93
CA THR B 94 14.03 -23.54 -10.16
C THR B 94 13.12 -24.68 -9.70
N PRO B 95 11.89 -24.37 -9.29
CA PRO B 95 11.26 -23.04 -9.25
C PRO B 95 11.82 -22.15 -8.14
N LEU B 96 12.12 -20.89 -8.46
CA LEU B 96 12.58 -19.96 -7.43
C LEU B 96 11.46 -19.72 -6.43
N THR B 97 11.80 -19.81 -5.15
CA THR B 97 10.83 -19.74 -4.08
C THR B 97 11.19 -18.62 -3.10
N PHE B 98 10.16 -17.91 -2.64
CA PHE B 98 10.30 -16.86 -1.65
C PHE B 98 9.82 -17.36 -0.30
N GLY B 99 10.36 -16.77 0.77
CA GLY B 99 9.79 -16.95 2.08
C GLY B 99 8.48 -16.21 2.25
N GLY B 100 7.74 -16.59 3.28
CA GLY B 100 6.43 -16.00 3.52
C GLY B 100 6.46 -14.54 3.92
N GLY B 101 7.61 -14.00 4.29
CA GLY B 101 7.72 -12.61 4.65
C GLY B 101 7.68 -12.41 6.16
N THR B 102 8.32 -11.33 6.62
CA THR B 102 8.34 -10.97 8.03
C THR B 102 8.06 -9.48 8.15
N LYS B 103 6.97 -9.13 8.83
CA LYS B 103 6.61 -7.73 9.05
C LYS B 103 7.35 -7.19 10.28
N VAL B 104 8.17 -6.16 10.08
CA VAL B 104 8.89 -5.52 11.16
C VAL B 104 8.16 -4.23 11.54
N GLU B 105 7.68 -4.18 12.77
CA GLU B 105 7.08 -2.97 13.33
C GLU B 105 8.06 -2.30 14.27
N ILE B 106 8.10 -0.96 14.24
CA ILE B 106 8.94 -0.17 15.12
C ILE B 106 8.15 0.12 16.39
N LYS B 107 8.67 -0.34 17.53
CA LYS B 107 8.03 -0.12 18.83
C LYS B 107 8.51 1.21 19.39
N ARG B 108 7.64 2.20 19.39
CA ARG B 108 7.98 3.54 19.86
C ARG B 108 7.14 3.90 21.08
N THR B 109 7.38 5.09 21.60
CA THR B 109 6.64 5.56 22.78
C THR B 109 5.17 5.80 22.42
N VAL B 110 4.34 5.78 23.45
CA VAL B 110 2.90 6.00 23.23
C VAL B 110 2.68 7.37 22.63
N ALA B 111 1.75 7.44 21.68
CA ALA B 111 1.36 8.70 21.06
C ALA B 111 -0.14 8.70 20.87
N ALA B 112 -0.82 9.71 21.43
CA ALA B 112 -2.27 9.77 21.33
C ALA B 112 -2.69 10.28 19.96
N PRO B 113 -3.84 9.83 19.47
CA PRO B 113 -4.32 10.33 18.18
C PRO B 113 -4.88 11.74 18.27
N SER B 114 -4.72 12.47 17.16
CA SER B 114 -5.44 13.72 16.94
C SER B 114 -6.71 13.38 16.18
N VAL B 115 -7.87 13.72 16.76
CA VAL B 115 -9.15 13.29 16.24
C VAL B 115 -9.79 14.42 15.44
N PHE B 116 -10.42 14.05 14.32
CA PHE B 116 -11.12 14.99 13.46
C PHE B 116 -12.38 14.31 12.95
N ILE B 117 -13.46 15.09 12.84
CA ILE B 117 -14.72 14.59 12.31
C ILE B 117 -15.12 15.43 11.10
N PHE B 118 -15.71 14.79 10.10
CA PHE B 118 -16.08 15.44 8.85
C PHE B 118 -17.55 15.14 8.56
N PRO B 119 -18.40 16.15 8.40
CA PRO B 119 -19.78 15.88 8.01
C PRO B 119 -19.86 15.46 6.56
N PRO B 120 -20.97 14.87 6.13
CA PRO B 120 -21.13 14.55 4.70
C PRO B 120 -21.28 15.81 3.87
N SER B 121 -20.68 15.80 2.69
CA SER B 121 -20.76 16.95 1.79
C SER B 121 -22.16 17.06 1.19
N ASP B 122 -22.55 18.28 0.87
CA ASP B 122 -23.82 18.49 0.19
C ASP B 122 -23.87 17.73 -1.13
N GLU B 123 -22.73 17.61 -1.81
CA GLU B 123 -22.70 16.88 -3.08
C GLU B 123 -23.10 15.43 -2.89
N GLN B 124 -22.53 14.76 -1.88
CA GLN B 124 -22.89 13.36 -1.64
C GLN B 124 -24.36 13.23 -1.29
N LEU B 125 -24.88 14.16 -0.48
CA LEU B 125 -26.28 14.07 -0.06
C LEU B 125 -27.22 14.05 -1.25
N LYS B 126 -26.87 14.74 -2.34
CA LYS B 126 -27.70 14.70 -3.53
C LYS B 126 -27.89 13.27 -4.02
N SER B 127 -26.93 12.39 -3.76
CA SER B 127 -27.01 11.00 -4.17
C SER B 127 -27.83 10.13 -3.24
N GLY B 128 -28.37 10.70 -2.16
CA GLY B 128 -29.21 9.93 -1.26
C GLY B 128 -28.46 9.09 -0.25
N THR B 129 -27.18 9.38 -0.01
CA THR B 129 -26.38 8.67 0.98
C THR B 129 -25.49 9.66 1.69
N ALA B 130 -25.15 9.35 2.94
CA ALA B 130 -24.33 10.22 3.77
C ALA B 130 -23.22 9.41 4.41
N SER B 131 -21.97 9.83 4.19
CA SER B 131 -20.81 9.23 4.81
C SER B 131 -20.23 10.21 5.81
N VAL B 132 -20.11 9.78 7.06
CA VAL B 132 -19.52 10.58 8.14
C VAL B 132 -18.19 9.95 8.50
N VAL B 133 -17.13 10.75 8.48
CA VAL B 133 -15.76 10.26 8.61
C VAL B 133 -15.15 10.80 9.89
N CYS B 134 -14.56 9.91 10.68
N CYS B 134 -14.54 9.93 10.67
CA CYS B 134 -13.81 10.27 11.88
CA CYS B 134 -13.81 10.30 11.89
C CYS B 134 -12.37 9.83 11.66
C CYS B 134 -12.37 9.83 11.74
N LEU B 135 -11.44 10.78 11.77
CA LEU B 135 -10.03 10.52 11.53
C LEU B 135 -9.26 10.53 12.85
N LEU B 136 -8.45 9.50 13.06
CA LEU B 136 -7.49 9.44 14.16
C LEU B 136 -6.10 9.50 13.54
N ASN B 137 -5.36 10.56 13.84
CA ASN B 137 -4.11 10.85 13.14
C ASN B 137 -2.91 10.68 14.07
N ASN B 138 -1.93 9.91 13.60
CA ASN B 138 -0.58 9.86 14.17
C ASN B 138 -0.61 9.40 15.64
N PHE B 139 -0.91 8.12 15.81
CA PHE B 139 -0.98 7.51 17.14
C PHE B 139 -0.21 6.20 17.16
N TYR B 140 0.08 5.74 18.38
CA TYR B 140 0.75 4.48 18.61
C TYR B 140 0.48 4.07 20.05
N PRO B 141 0.22 2.79 20.34
CA PRO B 141 0.16 1.64 19.43
C PRO B 141 -1.09 1.62 18.55
N ARG B 142 -1.20 0.58 17.71
CA ARG B 142 -2.30 0.48 16.75
C ARG B 142 -3.65 0.31 17.44
N GLU B 143 -3.69 -0.20 18.66
CA GLU B 143 -4.94 -0.49 19.34
C GLU B 143 -5.69 0.83 19.63
N ALA B 144 -6.90 0.94 19.11
CA ALA B 144 -7.72 2.12 19.33
C ALA B 144 -9.19 1.74 19.18
N LYS B 145 -10.03 2.40 19.97
CA LYS B 145 -11.48 2.16 19.94
C LYS B 145 -12.17 3.42 19.45
N VAL B 146 -12.93 3.30 18.38
CA VAL B 146 -13.73 4.38 17.83
C VAL B 146 -15.19 3.98 17.95
N GLN B 147 -16.00 4.81 18.61
CA GLN B 147 -17.42 4.52 18.77
C GLN B 147 -18.23 5.70 18.28
N TRP B 148 -19.23 5.41 17.45
CA TRP B 148 -20.08 6.43 16.85
C TRP B 148 -21.34 6.60 17.69
N LYS B 149 -21.81 7.84 17.78
CA LYS B 149 -23.07 8.15 18.46
C LYS B 149 -23.85 9.12 17.59
N VAL B 150 -25.12 8.82 17.38
CA VAL B 150 -26.04 9.67 16.62
C VAL B 150 -27.21 9.98 17.53
N ASP B 151 -27.33 11.25 17.94
CA ASP B 151 -28.34 11.66 18.91
C ASP B 151 -28.29 10.76 20.15
N ASN B 152 -27.08 10.52 20.64
CA ASN B 152 -26.80 9.68 21.79
C ASN B 152 -27.09 8.20 21.51
N ALA B 153 -27.43 7.83 20.28
CA ALA B 153 -27.71 6.45 19.94
C ALA B 153 -26.39 5.74 19.62
N LEU B 154 -26.08 4.70 20.40
CA LEU B 154 -24.84 3.96 20.23
C LEU B 154 -24.89 3.18 18.92
N GLN B 155 -23.98 3.48 17.99
CA GLN B 155 -24.00 2.87 16.67
C GLN B 155 -23.16 1.59 16.65
N SER B 156 -23.66 0.58 15.96
CA SER B 156 -22.98 -0.71 15.88
C SER B 156 -23.31 -1.38 14.56
N GLY B 157 -22.27 -1.76 13.82
CA GLY B 157 -22.43 -2.53 12.60
C GLY B 157 -22.59 -1.71 11.33
N ASN B 158 -22.58 -0.37 11.43
CA ASN B 158 -22.76 0.49 10.27
C ASN B 158 -21.53 1.35 10.00
N SER B 159 -20.37 0.98 10.54
CA SER B 159 -19.13 1.70 10.32
C SER B 159 -18.07 0.72 9.81
N GLN B 160 -17.08 1.27 9.11
CA GLN B 160 -15.96 0.50 8.61
C GLN B 160 -14.67 1.28 8.89
N GLU B 161 -13.63 0.54 9.28
CA GLU B 161 -12.36 1.14 9.67
C GLU B 161 -11.28 0.77 8.66
N SER B 162 -10.35 1.71 8.46
CA SER B 162 -9.17 1.47 7.65
C SER B 162 -7.98 2.10 8.34
N VAL B 163 -6.86 1.37 8.37
CA VAL B 163 -5.65 1.80 9.07
C VAL B 163 -4.51 1.82 8.08
N THR B 164 -3.70 2.88 8.14
CA THR B 164 -2.54 2.97 7.27
C THR B 164 -1.43 2.07 7.80
N GLU B 165 -0.46 1.80 6.93
CA GLU B 165 0.75 1.13 7.37
C GLU B 165 1.59 2.11 8.18
N GLN B 166 2.41 1.57 9.08
CA GLN B 166 3.19 2.39 9.98
C GLN B 166 4.03 3.40 9.21
N ASP B 167 4.02 4.65 9.69
CA ASP B 167 4.78 5.70 9.05
C ASP B 167 6.28 5.41 9.14
N SER B 168 7.01 5.75 8.08
N SER B 168 7.01 5.75 8.08
CA SER B 168 8.44 5.45 8.01
CA SER B 168 8.44 5.45 8.01
C SER B 168 9.28 6.44 8.80
C SER B 168 9.29 6.45 8.78
N LYS B 169 8.75 7.61 9.15
CA LYS B 169 9.49 8.64 9.86
C LYS B 169 9.17 8.69 11.35
N ASP B 170 7.89 8.75 11.69
CA ASP B 170 7.46 8.88 13.09
C ASP B 170 6.90 7.59 13.67
N SER B 171 6.78 6.53 12.87
CA SER B 171 6.40 5.20 13.36
C SER B 171 4.99 5.19 13.96
N THR B 172 4.11 6.06 13.48
CA THR B 172 2.74 6.14 13.96
C THR B 172 1.78 5.55 12.93
N TYR B 173 0.54 5.36 13.38
CA TYR B 173 -0.55 4.92 12.54
C TYR B 173 -1.59 6.03 12.43
N SER B 174 -2.41 5.94 11.37
CA SER B 174 -3.60 6.75 11.24
C SER B 174 -4.76 5.82 10.91
N LEU B 175 -5.95 6.20 11.35
CA LEU B 175 -7.13 5.36 11.23
C LEU B 175 -8.31 6.23 10.78
N SER B 176 -9.08 5.69 9.84
CA SER B 176 -10.30 6.33 9.37
C SER B 176 -11.48 5.41 9.70
N SER B 177 -12.51 5.98 10.31
CA SER B 177 -13.77 5.28 10.55
C SER B 177 -14.86 6.02 9.79
N THR B 178 -15.60 5.28 8.96
CA THR B 178 -16.62 5.87 8.10
C THR B 178 -17.97 5.29 8.51
N LEU B 179 -18.87 6.17 8.95
CA LEU B 179 -20.25 5.81 9.27
C LEU B 179 -21.10 6.09 8.04
N THR B 180 -21.89 5.09 7.63
CA THR B 180 -22.69 5.17 6.42
C THR B 180 -24.17 5.16 6.80
N LEU B 181 -24.89 6.19 6.37
CA LEU B 181 -26.32 6.29 6.58
C LEU B 181 -26.98 6.76 5.28
N SER B 182 -28.27 6.51 5.16
CA SER B 182 -29.02 7.10 4.08
C SER B 182 -29.25 8.58 4.37
N LYS B 183 -29.52 9.35 3.31
CA LYS B 183 -29.83 10.76 3.50
C LYS B 183 -31.04 10.92 4.42
N ALA B 184 -32.08 10.12 4.20
CA ALA B 184 -33.29 10.23 5.01
C ALA B 184 -32.97 10.02 6.49
N ASP B 185 -32.18 8.99 6.80
CA ASP B 185 -31.82 8.75 8.20
C ASP B 185 -30.90 9.84 8.73
N TYR B 186 -29.96 10.30 7.90
CA TYR B 186 -29.08 11.39 8.31
C TYR B 186 -29.89 12.63 8.69
N GLU B 187 -30.96 12.92 7.94
CA GLU B 187 -31.76 14.12 8.17
C GLU B 187 -32.74 13.98 9.32
N LYS B 188 -32.84 12.80 9.93
CA LYS B 188 -33.69 12.61 11.10
C LYS B 188 -32.99 12.94 12.41
N HIS B 189 -31.67 13.13 12.39
CA HIS B 189 -30.91 13.33 13.61
C HIS B 189 -30.04 14.58 13.47
N LYS B 190 -29.55 15.05 14.62
CA LYS B 190 -28.82 16.31 14.69
C LYS B 190 -27.37 16.14 15.11
N VAL B 191 -27.10 15.41 16.19
CA VAL B 191 -25.77 15.34 16.78
C VAL B 191 -25.06 14.08 16.28
N TYR B 192 -23.91 14.28 15.66
CA TYR B 192 -23.06 13.18 15.18
C TYR B 192 -21.72 13.29 15.86
N ALA B 193 -21.32 12.24 16.57
CA ALA B 193 -20.14 12.28 17.41
C ALA B 193 -19.36 10.98 17.29
N CYS B 194 -18.03 11.11 17.34
N CYS B 194 -18.03 11.09 17.28
CA CYS B 194 -17.10 9.99 17.32
CA CYS B 194 -17.15 9.93 17.32
C CYS B 194 -16.24 10.09 18.56
C CYS B 194 -16.27 10.07 18.56
N GLU B 195 -16.29 9.07 19.42
CA GLU B 195 -15.57 9.05 20.68
C GLU B 195 -14.41 8.06 20.57
N VAL B 196 -13.22 8.51 20.90
CA VAL B 196 -11.99 7.74 20.72
C VAL B 196 -11.39 7.41 22.07
N THR B 197 -11.01 6.15 22.26
CA THR B 197 -10.30 5.69 23.44
C THR B 197 -8.96 5.14 23.02
N HIS B 198 -7.90 5.54 23.72
CA HIS B 198 -6.54 5.14 23.36
C HIS B 198 -5.66 5.31 24.58
N GLN B 199 -4.65 4.42 24.70
CA GLN B 199 -3.80 4.41 25.89
C GLN B 199 -3.06 5.73 26.08
N GLY B 200 -2.92 6.54 25.02
CA GLY B 200 -2.23 7.81 25.13
C GLY B 200 -3.07 8.96 25.62
N LEU B 201 -4.39 8.77 25.71
CA LEU B 201 -5.30 9.80 26.17
C LEU B 201 -5.64 9.56 27.63
N SER B 202 -5.61 10.62 28.43
CA SER B 202 -5.97 10.49 29.84
C SER B 202 -7.39 9.95 30.00
N SER B 203 -8.29 10.30 29.09
CA SER B 203 -9.64 9.74 29.06
C SER B 203 -10.17 9.92 27.65
N PRO B 204 -11.30 9.27 27.32
CA PRO B 204 -11.79 9.32 25.94
C PRO B 204 -12.00 10.74 25.44
N VAL B 205 -11.72 10.95 24.17
CA VAL B 205 -11.92 12.23 23.50
C VAL B 205 -13.09 12.08 22.53
N THR B 206 -13.94 13.10 22.47
CA THR B 206 -15.11 13.10 21.61
C THR B 206 -15.08 14.30 20.69
N LYS B 207 -15.29 14.06 19.40
CA LYS B 207 -15.46 15.11 18.40
C LYS B 207 -16.83 14.96 17.77
N SER B 208 -17.53 16.07 17.57
CA SER B 208 -18.89 16.01 17.08
C SER B 208 -19.21 17.24 16.25
N PHE B 209 -20.27 17.13 15.47
CA PHE B 209 -20.85 18.26 14.74
C PHE B 209 -22.36 18.11 14.77
N ASN B 210 -23.04 19.22 14.50
CA ASN B 210 -24.50 19.25 14.39
C ASN B 210 -24.88 19.43 12.93
N ARG B 211 -25.75 18.57 12.44
CA ARG B 211 -26.24 18.69 11.07
C ARG B 211 -26.86 20.05 10.84
N GLY B 212 -26.75 20.55 9.61
CA GLY B 212 -27.36 21.80 9.25
C GLY B 212 -26.77 23.03 9.90
N GLU B 213 -25.65 22.90 10.60
CA GLU B 213 -24.96 24.02 11.22
C GLU B 213 -23.63 24.18 10.49
N CYS B 214 -23.62 24.99 9.44
CA CYS B 214 -22.44 25.19 8.62
C CYS B 214 -21.28 25.72 9.44
#